data_5OPR
#
_entry.id   5OPR
#
_cell.length_a   44.986
_cell.length_b   65.826
_cell.length_c   54.237
_cell.angle_alpha   90.000
_cell.angle_beta   101.820
_cell.angle_gamma   90.000
#
_symmetry.space_group_name_H-M   'P 1 21 1'
#
loop_
_entity.id
_entity.type
_entity.pdbx_description
1 polymer 'Serine/threonine-protein kinase Chk1'
2 non-polymer 5-[4-(morpholin-4-ylmethyl)phenyl]-3-(1-propan-2-yl-1,2,3-triazol-4-yl)pyridin-2-amine
3 water water
#
_entity_poly.entity_id   1
_entity_poly.type   'polypeptide(L)'
_entity_poly.pdbx_seq_one_letter_code
;MAVPFVEDWDLVQTLGEGAYGEVQLAVNRVTEEAVAVKIVDMKRAVDCPENIKKEICILKMLNHENVIKFYGHRREGNIQ
YLFMELASGGSLFDRIEPDIGMPEPDAQRFFHQLMAGVVYLHGIGITHRDIKPHNLLLDERDNLKIADYSLATVFRYNNR
ERLLNKMCGTLPYVAPELLKRREFHAEPVDVWSCGIVLTAMLAGELPWDQPSDSCQEYSDWKEKKTYLNPWKKIDSAPLA
LLHKILVENPSARITIPDIKKDRWYNKPLKKGAKRPRVTSGGVSESPSGHHHHHHHH
;
_entity_poly.pdbx_strand_id   A
#
loop_
_chem_comp.id
_chem_comp.type
_chem_comp.name
_chem_comp.formula
A3E non-polymer 5-[4-(morpholin-4-ylmethyl)phenyl]-3-(1-propan-2-yl-1,2,3-triazol-4-yl)pyridin-2-amine 'C21 H26 N6 O'
#
# COMPACT_ATOMS: atom_id res chain seq x y z
N PRO A 4 -2.47 21.88 22.07
CA PRO A 4 -3.04 21.08 20.98
C PRO A 4 -3.57 21.97 19.80
N PHE A 5 -2.72 22.82 19.24
CA PHE A 5 -3.15 23.83 18.25
C PHE A 5 -1.97 24.25 17.39
N VAL A 6 -2.14 24.36 16.08
CA VAL A 6 -1.05 24.92 15.24
C VAL A 6 -1.74 25.87 14.32
N GLU A 7 -1.38 27.15 14.47
CA GLU A 7 -2.03 28.22 13.76
C GLU A 7 -3.55 28.07 13.94
N ASP A 8 -4.30 28.07 12.84
CA ASP A 8 -5.77 27.97 12.92
C ASP A 8 -6.34 26.62 13.34
N TRP A 9 -5.51 25.57 13.39
CA TRP A 9 -6.04 24.21 13.59
C TRP A 9 -5.95 23.71 15.02
N ASP A 10 -6.98 23.01 15.46
CA ASP A 10 -6.95 22.31 16.71
C ASP A 10 -6.66 20.85 16.40
N LEU A 11 -5.80 20.26 17.22
CA LEU A 11 -5.46 18.85 17.16
C LEU A 11 -6.36 18.08 18.17
N VAL A 12 -7.47 17.61 17.63
CA VAL A 12 -8.58 17.07 18.41
C VAL A 12 -8.49 15.62 18.86
N GLN A 13 -7.93 14.72 18.07
CA GLN A 13 -7.76 13.32 18.53
C GLN A 13 -6.76 12.56 17.70
N THR A 14 -6.36 11.40 18.20
CA THR A 14 -5.34 10.59 17.55
C THR A 14 -5.93 9.54 16.63
N LEU A 15 -5.40 9.51 15.43
CA LEU A 15 -5.81 8.54 14.44
C LEU A 15 -4.80 7.40 14.28
N GLY A 16 -3.52 7.74 14.31
CA GLY A 16 -2.41 6.76 14.24
C GLY A 16 -1.29 7.23 15.15
N GLU A 17 -0.53 6.29 15.72
CA GLU A 17 0.48 6.61 16.76
C GLU A 17 1.77 5.79 16.63
N GLY A 18 2.93 6.46 16.76
CA GLY A 18 4.22 5.77 16.86
C GLY A 18 4.90 5.40 15.54
N ALA A 19 4.12 4.91 14.59
CA ALA A 19 4.63 4.40 13.29
C ALA A 19 5.69 5.34 12.70
N TYR A 20 5.28 6.55 12.41
CA TYR A 20 6.18 7.65 12.08
C TYR A 20 5.52 8.76 12.87
N GLY A 21 6.14 9.17 13.96
CA GLY A 21 5.52 10.16 14.86
C GLY A 21 4.09 9.81 15.29
N GLU A 22 3.11 10.62 14.89
CA GLU A 22 1.67 10.35 15.15
C GLU A 22 0.74 11.13 14.21
N VAL A 23 -0.50 10.69 14.10
CA VAL A 23 -1.48 11.27 13.17
C VAL A 23 -2.64 11.77 14.00
N GLN A 24 -2.92 13.07 13.84
CA GLN A 24 -4.02 13.75 14.55
C GLN A 24 -5.14 14.17 13.61
N LEU A 25 -6.37 14.16 14.13
CA LEU A 25 -7.48 14.81 13.47
C LEU A 25 -7.29 16.31 13.70
N ALA A 26 -7.17 17.09 12.63
CA ALA A 26 -7.06 18.56 12.72
C ALA A 26 -8.33 19.25 12.23
N VAL A 27 -9.00 19.97 13.13
CA VAL A 27 -10.23 20.66 12.79
C VAL A 27 -9.95 22.14 12.84
N ASN A 28 -10.28 22.83 11.79
CA ASN A 28 -10.09 24.24 11.75
C ASN A 28 -11.27 24.89 12.58
N ARG A 29 -10.95 25.54 13.71
CA ARG A 29 -11.96 26.18 14.61
C ARG A 29 -12.84 27.27 13.90
N VAL A 30 -12.23 27.99 12.94
CA VAL A 30 -12.95 28.94 12.08
C VAL A 30 -13.93 28.23 11.12
N THR A 31 -13.36 27.40 10.21
CA THR A 31 -14.06 26.88 9.00
C THR A 31 -14.73 25.51 9.21
N GLU A 32 -14.35 24.81 10.29
CA GLU A 32 -14.84 23.47 10.68
C GLU A 32 -14.33 22.33 9.77
N GLU A 33 -13.56 22.72 8.74
CA GLU A 33 -12.93 21.75 7.82
C GLU A 33 -11.99 20.87 8.64
N ALA A 34 -12.02 19.58 8.33
CA ALA A 34 -11.25 18.63 9.05
C ALA A 34 -10.20 18.00 8.10
N VAL A 35 -8.98 17.92 8.58
CA VAL A 35 -7.92 17.19 7.88
C VAL A 35 -7.15 16.30 8.86
N ALA A 36 -6.16 15.59 8.31
CA ALA A 36 -5.23 14.79 9.11
C ALA A 36 -3.88 15.46 9.14
N VAL A 37 -3.20 15.30 10.27
CA VAL A 37 -1.89 15.89 10.43
C VAL A 37 -0.95 14.88 10.94
N LYS A 38 0.19 14.74 10.26
CA LYS A 38 1.21 13.81 10.72
C LYS A 38 2.23 14.63 11.47
N ILE A 39 2.55 14.20 12.67
CA ILE A 39 3.43 14.95 13.56
C ILE A 39 4.71 14.19 13.85
N VAL A 40 5.85 14.72 13.44
CA VAL A 40 7.13 14.05 13.69
C VAL A 40 8.11 15.00 14.40
N ASP A 41 8.85 14.45 15.39
CA ASP A 41 9.87 15.19 16.19
C ASP A 41 11.08 15.61 15.37
N ASN A 51 15.44 13.25 4.64
CA ASN A 51 14.49 12.18 5.02
C ASN A 51 13.05 12.68 5.09
N ILE A 52 12.81 13.64 5.99
CA ILE A 52 11.54 14.32 6.00
C ILE A 52 11.55 15.29 4.83
N LYS A 53 12.74 15.81 4.49
CA LYS A 53 12.92 16.62 3.27
C LYS A 53 12.50 15.88 1.99
N LYS A 54 12.90 14.62 1.91
CA LYS A 54 12.51 13.77 0.79
C LYS A 54 11.00 13.48 0.79
N GLU A 55 10.49 13.04 1.92
CA GLU A 55 9.10 12.73 2.05
C GLU A 55 8.23 13.91 1.63
N ILE A 56 8.55 15.11 2.12
CA ILE A 56 7.78 16.28 1.78
C ILE A 56 7.84 16.53 0.29
N CYS A 57 9.00 16.37 -0.28
CA CYS A 57 9.19 16.60 -1.69
C CYS A 57 8.37 15.65 -2.60
N ILE A 58 8.36 14.38 -2.22
CA ILE A 58 7.54 13.39 -2.92
C ILE A 58 6.05 13.71 -2.72
N LEU A 59 5.64 13.93 -1.48
CA LEU A 59 4.28 14.34 -1.15
C LEU A 59 3.72 15.50 -1.99
N LYS A 60 4.56 16.50 -2.26
CA LYS A 60 4.15 17.63 -3.11
C LYS A 60 3.91 17.26 -4.55
N MET A 61 4.49 16.16 -5.02
CA MET A 61 4.20 15.62 -6.38
C MET A 61 2.83 14.95 -6.55
N LEU A 62 2.18 14.53 -5.47
CA LEU A 62 1.08 13.56 -5.62
C LEU A 62 -0.24 14.20 -5.91
N ASN A 63 -0.78 13.86 -7.06
CA ASN A 63 -2.09 14.33 -7.38
C ASN A 63 -3.03 13.29 -8.07
N HIS A 64 -3.72 12.47 -7.26
CA HIS A 64 -4.52 11.42 -7.84
C HIS A 64 -5.57 10.99 -6.84
N GLU A 65 -6.74 10.66 -7.35
CA GLU A 65 -7.86 10.27 -6.43
C GLU A 65 -7.57 9.06 -5.53
N ASN A 66 -6.67 8.16 -5.94
CA ASN A 66 -6.33 6.99 -5.06
C ASN A 66 -4.98 7.12 -4.33
N VAL A 67 -4.48 8.35 -4.22
CA VAL A 67 -3.36 8.71 -3.39
C VAL A 67 -3.74 9.83 -2.39
N ILE A 68 -3.22 9.74 -1.19
CA ILE A 68 -3.53 10.70 -0.14
C ILE A 68 -3.00 12.09 -0.51
N LYS A 69 -3.85 13.12 -0.55
CA LYS A 69 -3.42 14.50 -0.95
C LYS A 69 -2.59 15.15 0.14
N PHE A 70 -1.56 15.87 -0.28
CA PHE A 70 -0.77 16.66 0.61
C PHE A 70 -1.28 18.09 0.54
N TYR A 71 -1.54 18.67 1.71
CA TYR A 71 -1.99 20.07 1.80
C TYR A 71 -0.90 21.13 2.09
N GLY A 72 0.14 20.74 2.80
CA GLY A 72 1.25 21.62 3.11
C GLY A 72 1.82 21.25 4.47
N HIS A 73 2.86 21.96 4.86
CA HIS A 73 3.61 21.65 6.08
C HIS A 73 4.02 22.90 6.84
N ARG A 74 4.17 22.73 8.14
CA ARG A 74 4.62 23.78 9.04
C ARG A 74 5.62 23.16 10.03
N ARG A 75 6.85 23.69 10.11
CA ARG A 75 7.84 23.28 11.16
C ARG A 75 7.73 24.24 12.33
N GLU A 76 7.60 23.73 13.56
CA GLU A 76 7.50 24.59 14.75
C GLU A 76 8.48 24.14 15.81
N GLY A 77 9.73 24.57 15.60
CA GLY A 77 10.84 24.19 16.44
C GLY A 77 11.27 22.81 16.03
N ASN A 78 11.21 21.84 16.93
CA ASN A 78 11.60 20.46 16.59
C ASN A 78 10.54 19.74 15.76
N ILE A 79 9.27 20.05 15.98
CA ILE A 79 8.15 19.27 15.46
C ILE A 79 7.69 19.70 14.05
N GLN A 80 7.63 18.72 13.15
CA GLN A 80 7.18 18.95 11.78
C GLN A 80 5.71 18.54 11.74
N TYR A 81 4.93 19.27 10.94
CA TYR A 81 3.49 19.03 10.77
C TYR A 81 3.14 18.84 9.29
N LEU A 82 2.61 17.67 8.93
CA LEU A 82 2.30 17.39 7.53
C LEU A 82 0.83 17.27 7.44
N PHE A 83 0.24 18.22 6.69
CA PHE A 83 -1.18 18.31 6.56
C PHE A 83 -1.62 17.53 5.35
N MET A 84 -2.56 16.63 5.57
CA MET A 84 -2.99 15.71 4.54
C MET A 84 -4.47 15.45 4.59
N GLU A 85 -4.95 15.03 3.45
CA GLU A 85 -6.30 14.59 3.26
C GLU A 85 -6.70 13.66 4.37
N LEU A 86 -7.90 13.88 4.90
CA LEU A 86 -8.44 13.03 5.89
C LEU A 86 -9.20 11.87 5.20
N ALA A 87 -9.05 10.67 5.74
CA ALA A 87 -9.67 9.45 5.19
C ALA A 87 -10.45 8.94 6.37
N SER A 88 -11.70 9.39 6.47
CA SER A 88 -12.49 9.20 7.73
C SER A 88 -13.00 7.78 7.85
N GLY A 89 -12.89 7.01 6.74
CA GLY A 89 -13.11 5.56 6.76
C GLY A 89 -12.06 4.73 7.48
N GLY A 90 -10.91 5.27 7.76
CA GLY A 90 -9.89 4.54 8.48
C GLY A 90 -9.22 3.60 7.44
N SER A 91 -8.70 2.49 7.89
CA SER A 91 -7.81 1.69 7.02
C SER A 91 -8.47 0.47 6.45
N LEU A 92 -7.87 -0.04 5.39
CA LEU A 92 -8.30 -1.34 4.83
C LEU A 92 -8.12 -2.39 5.86
N PHE A 93 -7.06 -2.28 6.67
CA PHE A 93 -6.76 -3.29 7.64
C PHE A 93 -8.02 -3.60 8.48
N ASP A 94 -8.70 -2.54 8.93
CA ASP A 94 -9.88 -2.69 9.76
C ASP A 94 -11.10 -3.25 9.04
N ARG A 95 -11.10 -3.40 7.72
CA ARG A 95 -12.21 -4.04 7.00
C ARG A 95 -12.00 -5.49 6.67
N ILE A 96 -10.82 -6.00 6.98
CA ILE A 96 -10.53 -7.35 6.74
C ILE A 96 -10.85 -8.17 8.01
N GLU A 97 -11.79 -9.09 7.90
CA GLU A 97 -12.14 -9.94 9.05
C GLU A 97 -11.12 -11.04 9.16
N PRO A 98 -10.48 -11.19 10.32
CA PRO A 98 -9.48 -12.25 10.43
C PRO A 98 -10.03 -13.63 10.18
N ASP A 99 -9.31 -14.40 9.36
CA ASP A 99 -9.67 -15.71 8.90
C ASP A 99 -10.77 -15.85 7.83
N ILE A 100 -11.37 -14.72 7.49
CA ILE A 100 -12.46 -14.64 6.54
C ILE A 100 -12.12 -13.76 5.31
N GLY A 101 -11.71 -12.55 5.56
CA GLY A 101 -11.43 -11.60 4.51
C GLY A 101 -12.54 -10.57 4.39
N MET A 102 -13.09 -10.45 3.22
CA MET A 102 -14.22 -9.60 2.96
C MET A 102 -14.91 -10.16 1.70
N PRO A 103 -16.11 -9.69 1.40
CA PRO A 103 -16.78 -10.14 0.18
C PRO A 103 -15.98 -9.82 -1.10
N GLU A 104 -15.89 -10.79 -1.97
CA GLU A 104 -15.10 -10.77 -3.18
C GLU A 104 -15.35 -9.50 -4.00
N PRO A 105 -16.61 -9.03 -4.05
CA PRO A 105 -16.81 -7.81 -4.86
C PRO A 105 -16.18 -6.57 -4.19
N ASP A 106 -16.20 -6.51 -2.86
CA ASP A 106 -15.56 -5.35 -2.19
C ASP A 106 -14.01 -5.48 -2.39
N ALA A 107 -13.49 -6.71 -2.29
CA ALA A 107 -12.06 -6.92 -2.54
C ALA A 107 -11.68 -6.48 -3.97
N GLN A 108 -12.49 -6.82 -4.94
CA GLN A 108 -12.18 -6.48 -6.32
C GLN A 108 -12.16 -4.99 -6.51
N ARG A 109 -13.16 -4.35 -5.97
CA ARG A 109 -13.17 -2.89 -6.10
C ARG A 109 -11.97 -2.24 -5.50
N PHE A 110 -11.59 -2.64 -4.27
CA PHE A 110 -10.41 -2.09 -3.63
C PHE A 110 -9.19 -2.37 -4.42
N PHE A 111 -9.09 -3.60 -4.98
CA PHE A 111 -7.94 -3.92 -5.82
C PHE A 111 -7.83 -3.03 -7.09
N HIS A 112 -8.98 -2.78 -7.73
CA HIS A 112 -8.99 -1.85 -8.86
C HIS A 112 -8.46 -0.49 -8.45
N GLN A 113 -8.90 0.02 -7.29
CA GLN A 113 -8.50 1.28 -6.86
C GLN A 113 -7.01 1.28 -6.47
N LEU A 114 -6.60 0.21 -5.83
CA LEU A 114 -5.15 0.09 -5.51
C LEU A 114 -4.29 0.10 -6.76
N MET A 115 -4.70 -0.60 -7.80
CA MET A 115 -3.92 -0.63 -9.06
C MET A 115 -3.89 0.77 -9.70
N ALA A 116 -5.00 1.44 -9.65
CA ALA A 116 -5.02 2.80 -10.21
C ALA A 116 -4.03 3.72 -9.46
N GLY A 117 -4.02 3.64 -8.16
CA GLY A 117 -3.00 4.31 -7.36
C GLY A 117 -1.61 4.02 -7.70
N VAL A 118 -1.31 2.73 -7.80
CA VAL A 118 0.07 2.28 -8.11
C VAL A 118 0.49 2.64 -9.49
N VAL A 119 -0.39 2.51 -10.46
CA VAL A 119 -0.05 2.97 -11.84
C VAL A 119 0.30 4.43 -11.82
N TYR A 120 -0.48 5.21 -11.10
CA TYR A 120 -0.19 6.60 -11.03
C TYR A 120 1.24 6.90 -10.45
N LEU A 121 1.56 6.28 -9.32
CA LEU A 121 2.85 6.45 -8.71
C LEU A 121 3.95 6.04 -9.58
N HIS A 122 3.83 4.82 -10.14
CA HIS A 122 4.87 4.36 -11.01
C HIS A 122 5.06 5.31 -12.26
N GLY A 123 3.95 5.83 -12.74
CA GLY A 123 3.98 6.73 -13.89
C GLY A 123 4.74 8.03 -13.58
N ILE A 124 4.76 8.49 -12.35
CA ILE A 124 5.58 9.66 -11.98
C ILE A 124 6.94 9.25 -11.43
N GLY A 125 7.29 7.98 -11.54
CA GLY A 125 8.60 7.47 -11.21
C GLY A 125 8.79 7.29 -9.71
N ILE A 126 7.69 7.15 -8.96
CA ILE A 126 7.73 6.94 -7.54
C ILE A 126 7.37 5.46 -7.18
N THR A 127 8.13 4.84 -6.28
CA THR A 127 7.80 3.57 -5.70
C THR A 127 7.46 3.75 -4.25
N HIS A 128 6.38 3.15 -3.79
CA HIS A 128 5.87 3.32 -2.43
C HIS A 128 6.74 2.51 -1.41
N ARG A 129 7.06 1.25 -1.76
CA ARG A 129 7.82 0.34 -0.99
C ARG A 129 7.26 -0.24 0.29
N ASP A 130 6.06 0.15 0.68
CA ASP A 130 5.47 -0.49 1.85
C ASP A 130 3.96 -0.58 1.74
N ILE A 131 3.52 -1.12 0.60
CA ILE A 131 2.10 -1.38 0.42
C ILE A 131 1.62 -2.47 1.33
N LYS A 132 0.60 -2.19 2.14
CA LYS A 132 -0.01 -3.18 3.01
C LYS A 132 -1.28 -2.48 3.55
N PRO A 133 -2.22 -3.23 4.13
CA PRO A 133 -3.55 -2.68 4.50
C PRO A 133 -3.52 -1.56 5.50
N HIS A 134 -2.55 -1.54 6.40
CA HIS A 134 -2.39 -0.36 7.23
C HIS A 134 -2.18 0.96 6.55
N ASN A 135 -1.58 0.94 5.36
CA ASN A 135 -1.22 2.11 4.56
C ASN A 135 -2.20 2.40 3.47
N LEU A 136 -3.28 1.65 3.46
CA LEU A 136 -4.33 1.83 2.46
C LEU A 136 -5.57 2.34 3.21
N LEU A 137 -5.81 3.62 3.04
CA LEU A 137 -6.94 4.27 3.77
C LEU A 137 -8.22 4.43 2.91
N LEU A 138 -9.38 4.65 3.60
CA LEU A 138 -10.64 4.68 2.97
C LEU A 138 -11.31 6.09 3.28
N ASP A 139 -11.79 6.76 2.25
CA ASP A 139 -12.48 8.08 2.44
C ASP A 139 -13.90 7.76 2.90
N GLU A 140 -14.79 8.73 3.11
CA GLU A 140 -16.16 8.36 3.62
C GLU A 140 -17.05 7.64 2.60
N ARG A 141 -16.73 7.73 1.30
CA ARG A 141 -17.34 6.85 0.30
C ARG A 141 -16.58 5.51 0.01
N ASP A 142 -15.72 5.08 0.91
CA ASP A 142 -14.97 3.83 0.73
C ASP A 142 -14.03 3.83 -0.46
N ASN A 143 -13.56 4.98 -0.86
CA ASN A 143 -12.55 5.09 -1.87
C ASN A 143 -11.17 4.89 -1.23
N LEU A 144 -10.36 4.06 -1.88
CA LEU A 144 -9.08 3.68 -1.34
C LEU A 144 -8.03 4.78 -1.63
N LYS A 145 -7.17 5.06 -0.69
CA LYS A 145 -6.09 6.01 -0.86
C LYS A 145 -4.83 5.38 -0.33
N ILE A 146 -3.79 5.40 -1.17
CA ILE A 146 -2.48 4.95 -0.72
C ILE A 146 -1.79 6.05 0.11
N ALA A 147 -1.46 5.69 1.33
CA ALA A 147 -0.87 6.59 2.29
C ALA A 147 0.50 6.18 2.74
N ASP A 148 1.16 7.12 3.43
CA ASP A 148 2.46 6.97 4.08
C ASP A 148 3.66 6.89 3.14
N TYR A 149 4.31 8.01 2.90
CA TYR A 149 5.37 8.13 1.87
C TYR A 149 6.71 8.24 2.47
N SER A 150 6.81 7.77 3.73
CA SER A 150 8.04 7.81 4.45
C SER A 150 9.07 6.83 3.94
N LEU A 151 8.67 5.75 3.29
CA LEU A 151 9.67 4.91 2.60
C LEU A 151 9.70 5.09 1.09
N ALA A 152 8.87 5.99 0.56
CA ALA A 152 8.83 6.14 -0.87
C ALA A 152 10.15 6.72 -1.46
N THR A 153 10.43 6.37 -2.72
CA THR A 153 11.62 6.85 -3.39
C THR A 153 11.47 6.90 -4.90
N VAL A 154 12.39 7.63 -5.55
CA VAL A 154 12.36 7.79 -6.97
C VAL A 154 13.03 6.65 -7.57
N PHE A 155 12.39 5.99 -8.50
CA PHE A 155 13.05 4.97 -9.23
C PHE A 155 13.22 5.27 -10.72
N ARG A 156 12.62 6.34 -11.23
CA ARG A 156 12.76 6.75 -12.65
C ARG A 156 12.90 8.21 -12.67
N TYR A 157 13.95 8.72 -13.33
CA TYR A 157 14.10 10.18 -13.41
C TYR A 157 14.74 10.52 -14.78
N ASN A 158 14.25 11.58 -15.44
CA ASN A 158 14.64 11.83 -16.87
C ASN A 158 14.58 10.56 -17.74
N ASN A 159 13.53 9.78 -17.50
CA ASN A 159 13.27 8.58 -18.25
C ASN A 159 14.27 7.46 -18.11
N ARG A 160 15.10 7.48 -17.07
CA ARG A 160 16.08 6.44 -16.86
C ARG A 160 15.73 5.81 -15.53
N GLU A 161 15.68 4.48 -15.52
CA GLU A 161 15.29 3.74 -14.34
C GLU A 161 16.55 3.61 -13.49
N ARG A 162 16.43 3.73 -12.19
CA ARG A 162 17.49 3.26 -11.31
C ARG A 162 17.01 2.08 -10.47
N LEU A 163 17.83 1.08 -10.38
CA LEU A 163 17.54 -0.05 -9.51
C LEU A 163 17.59 0.36 -8.07
N LEU A 164 16.81 -0.29 -7.23
CA LEU A 164 16.93 -0.13 -5.79
C LEU A 164 17.95 -1.06 -5.15
N ASN A 165 18.47 -0.65 -4.02
CA ASN A 165 19.23 -1.56 -3.10
C ASN A 165 18.85 -1.58 -1.61
N LYS A 166 18.18 -0.57 -1.09
CA LYS A 166 17.79 -0.61 0.31
C LYS A 166 16.77 -1.72 0.55
N MET A 167 16.95 -2.51 1.60
CA MET A 167 15.94 -3.48 2.01
C MET A 167 15.03 -2.69 2.90
N CYS A 168 13.77 -2.52 2.50
CA CYS A 168 12.80 -1.95 3.43
C CYS A 168 11.39 -2.46 3.07
N GLY A 169 10.40 -2.04 3.84
CA GLY A 169 9.05 -2.60 3.78
C GLY A 169 8.70 -3.42 5.00
N THR A 170 7.82 -4.43 4.83
CA THR A 170 7.27 -5.21 5.95
C THR A 170 7.37 -6.61 5.51
N LEU A 171 8.07 -7.47 6.26
CA LEU A 171 8.46 -8.80 5.72
C LEU A 171 7.37 -9.67 5.04
N PRO A 172 6.19 -9.80 5.64
CA PRO A 172 5.20 -10.63 5.00
C PRO A 172 4.69 -10.10 3.60
N TYR A 173 4.93 -8.83 3.35
CA TYR A 173 4.60 -8.13 2.10
C TYR A 173 5.73 -7.99 1.09
N VAL A 174 6.99 -8.21 1.49
CA VAL A 174 8.11 -7.99 0.60
C VAL A 174 8.31 -9.08 -0.40
N ALA A 175 8.79 -8.68 -1.56
CA ALA A 175 9.05 -9.66 -2.64
C ALA A 175 10.33 -10.44 -2.38
N PRO A 176 10.43 -11.64 -2.94
CA PRO A 176 11.58 -12.44 -2.55
C PRO A 176 12.90 -11.86 -3.04
N GLU A 177 12.89 -11.09 -4.13
CA GLU A 177 14.14 -10.57 -4.68
C GLU A 177 14.76 -9.61 -3.76
N LEU A 178 13.95 -8.91 -2.97
CA LEU A 178 14.48 -7.98 -2.09
C LEU A 178 15.31 -8.66 -1.00
N LEU A 179 14.99 -9.89 -0.65
CA LEU A 179 15.85 -10.63 0.27
C LEU A 179 17.05 -11.32 -0.44
N LYS A 180 17.01 -11.50 -1.74
CA LYS A 180 18.11 -12.25 -2.38
C LYS A 180 19.02 -11.43 -3.26
N ARG A 181 18.63 -10.25 -3.71
CA ARG A 181 19.39 -9.60 -4.77
C ARG A 181 20.04 -8.44 -4.20
N ARG A 182 21.23 -8.12 -4.68
CA ARG A 182 21.88 -6.87 -4.30
C ARG A 182 21.12 -5.67 -4.81
N GLU A 183 20.63 -5.74 -6.03
CA GLU A 183 19.84 -4.65 -6.62
C GLU A 183 18.69 -5.28 -7.37
N PHE A 184 17.58 -4.57 -7.37
CA PHE A 184 16.34 -5.07 -8.04
C PHE A 184 15.47 -3.93 -8.55
N HIS A 185 14.58 -4.26 -9.53
CA HIS A 185 13.62 -3.30 -10.04
C HIS A 185 12.51 -2.97 -9.05
N ALA A 186 12.13 -1.69 -8.99
CA ALA A 186 11.10 -1.24 -8.05
C ALA A 186 9.72 -1.72 -8.36
N GLU A 187 9.30 -1.67 -9.62
CA GLU A 187 7.92 -1.92 -9.92
C GLU A 187 7.45 -3.33 -9.54
N PRO A 188 8.19 -4.40 -9.92
CA PRO A 188 7.67 -5.70 -9.51
C PRO A 188 7.59 -5.92 -7.97
N VAL A 189 8.35 -5.17 -7.17
CA VAL A 189 8.29 -5.27 -5.72
C VAL A 189 6.92 -4.74 -5.24
N ASP A 190 6.50 -3.59 -5.74
CA ASP A 190 5.14 -3.04 -5.41
C ASP A 190 4.02 -3.96 -5.93
N VAL A 191 4.21 -4.56 -7.13
CA VAL A 191 3.17 -5.49 -7.64
C VAL A 191 2.98 -6.65 -6.66
N TRP A 192 4.11 -7.24 -6.25
CA TRP A 192 4.09 -8.37 -5.28
C TRP A 192 3.32 -8.01 -4.04
N SER A 193 3.60 -6.85 -3.44
CA SER A 193 2.92 -6.50 -2.23
C SER A 193 1.41 -6.32 -2.45
N CYS A 194 1.02 -5.83 -3.60
CA CYS A 194 -0.44 -5.76 -4.00
C CYS A 194 -1.03 -7.15 -4.01
N GLY A 195 -0.29 -8.14 -4.50
CA GLY A 195 -0.81 -9.49 -4.37
C GLY A 195 -0.93 -10.10 -2.99
N ILE A 196 -0.08 -9.71 -2.08
CA ILE A 196 -0.26 -10.17 -0.71
C ILE A 196 -1.47 -9.40 -0.12
N VAL A 197 -1.64 -8.12 -0.50
CA VAL A 197 -2.85 -7.41 -0.04
C VAL A 197 -4.12 -8.13 -0.57
N LEU A 198 -4.09 -8.56 -1.83
CA LEU A 198 -5.27 -9.23 -2.41
C LEU A 198 -5.55 -10.55 -1.63
N THR A 199 -4.47 -11.27 -1.30
CA THR A 199 -4.63 -12.49 -0.47
C THR A 199 -5.30 -12.22 0.87
N ALA A 200 -4.77 -11.22 1.55
CA ALA A 200 -5.31 -10.76 2.83
C ALA A 200 -6.79 -10.39 2.74
N MET A 201 -7.17 -9.67 1.71
CA MET A 201 -8.61 -9.33 1.50
C MET A 201 -9.49 -10.50 1.28
N LEU A 202 -8.98 -11.51 0.56
CA LEU A 202 -9.79 -12.61 0.20
C LEU A 202 -9.77 -13.76 1.20
N ALA A 203 -8.80 -13.77 2.09
CA ALA A 203 -8.67 -14.88 3.02
C ALA A 203 -8.52 -14.48 4.49
N GLY A 204 -8.37 -13.19 4.78
CA GLY A 204 -8.25 -12.74 6.14
C GLY A 204 -6.98 -13.27 6.86
N GLU A 205 -5.96 -13.65 6.10
CA GLU A 205 -4.71 -14.20 6.63
C GLU A 205 -3.58 -14.01 5.62
N LEU A 206 -2.40 -13.81 6.12
CA LEU A 206 -1.20 -13.66 5.32
C LEU A 206 -0.59 -15.05 5.04
N PRO A 207 -0.06 -15.25 3.84
CA PRO A 207 0.32 -16.64 3.50
C PRO A 207 1.60 -17.11 4.09
N TRP A 208 2.50 -16.20 4.47
CA TRP A 208 3.79 -16.60 4.99
C TRP A 208 4.41 -15.48 5.71
N ASP A 209 5.32 -15.84 6.60
CA ASP A 209 6.10 -14.90 7.40
C ASP A 209 7.05 -14.03 6.50
N GLN A 210 7.57 -14.69 5.50
CA GLN A 210 8.49 -14.07 4.54
C GLN A 210 8.74 -15.02 3.42
N PRO A 211 9.09 -14.48 2.25
CA PRO A 211 9.15 -15.25 1.05
C PRO A 211 10.58 -15.83 0.84
N SER A 212 11.01 -16.66 1.75
CA SER A 212 12.39 -17.22 1.69
C SER A 212 12.27 -18.71 1.58
N ASP A 213 13.26 -19.35 0.94
CA ASP A 213 13.25 -20.83 0.74
C ASP A 213 13.28 -21.58 2.08
N SER A 214 13.75 -20.95 3.14
CA SER A 214 13.60 -21.44 4.51
C SER A 214 12.21 -21.26 5.15
N CYS A 215 11.22 -20.72 4.44
CA CYS A 215 9.91 -20.53 5.05
C CYS A 215 9.05 -21.59 4.45
N GLN A 216 8.50 -22.46 5.30
CA GLN A 216 7.80 -23.66 4.81
C GLN A 216 6.56 -23.27 4.00
N GLU A 217 5.83 -22.25 4.47
CA GLU A 217 4.59 -21.85 3.76
C GLU A 217 4.91 -21.32 2.36
N TYR A 218 6.02 -20.63 2.22
CA TYR A 218 6.41 -20.13 0.92
C TYR A 218 6.81 -21.29 0.05
N SER A 219 7.53 -22.26 0.62
CA SER A 219 7.86 -23.47 -0.19
C SER A 219 6.66 -24.17 -0.64
N ASP A 220 5.69 -24.31 0.26
CA ASP A 220 4.41 -24.94 -0.16
C ASP A 220 3.78 -24.27 -1.35
N TRP A 221 3.77 -22.92 -1.33
CA TRP A 221 3.22 -22.21 -2.48
C TRP A 221 3.99 -22.48 -3.73
N LYS A 222 5.31 -22.46 -3.63
CA LYS A 222 6.07 -22.67 -4.86
C LYS A 222 5.85 -24.08 -5.44
N GLU A 223 5.51 -25.02 -4.56
CA GLU A 223 5.11 -26.37 -4.94
C GLU A 223 3.64 -26.50 -5.27
N LYS A 224 2.91 -25.39 -5.37
CA LYS A 224 1.50 -25.36 -5.73
C LYS A 224 0.59 -26.18 -4.85
N LYS A 225 0.88 -26.20 -3.57
CA LYS A 225 -0.01 -26.84 -2.63
C LYS A 225 -1.17 -25.92 -2.24
N THR A 226 -2.07 -25.69 -3.16
CA THR A 226 -3.15 -24.75 -2.92
C THR A 226 -4.37 -25.34 -2.26
N TYR A 227 -4.26 -26.58 -1.79
CA TYR A 227 -5.27 -27.19 -0.90
C TYR A 227 -5.00 -26.81 0.54
N LEU A 228 -3.90 -26.13 0.81
CA LEU A 228 -3.67 -25.51 2.08
C LEU A 228 -4.25 -24.08 2.16
N ASN A 229 -4.36 -23.58 3.38
CA ASN A 229 -4.78 -22.20 3.63
C ASN A 229 -3.57 -21.32 3.32
N PRO A 230 -3.77 -20.12 2.78
CA PRO A 230 -5.05 -19.43 2.67
C PRO A 230 -5.66 -19.66 1.35
N TRP A 231 -5.00 -20.44 0.49
CA TRP A 231 -5.32 -20.51 -0.90
C TRP A 231 -6.67 -21.24 -1.07
N LYS A 232 -6.95 -22.22 -0.20
CA LYS A 232 -8.16 -22.99 -0.38
C LYS A 232 -9.41 -22.15 -0.06
N LYS A 233 -9.30 -21.02 0.63
CA LYS A 233 -10.44 -20.11 0.84
C LYS A 233 -10.73 -19.20 -0.36
N ILE A 234 -9.88 -19.24 -1.40
CA ILE A 234 -9.95 -18.27 -2.47
C ILE A 234 -10.50 -18.95 -3.68
N ASP A 235 -11.46 -18.32 -4.34
CA ASP A 235 -12.04 -18.86 -5.55
C ASP A 235 -11.00 -19.01 -6.63
N SER A 236 -11.25 -19.90 -7.58
CA SER A 236 -10.28 -20.19 -8.60
C SER A 236 -9.92 -19.01 -9.51
N ALA A 237 -10.85 -18.10 -9.79
CA ALA A 237 -10.53 -16.97 -10.67
C ALA A 237 -9.51 -15.99 -9.99
N PRO A 238 -9.76 -15.54 -8.77
CA PRO A 238 -8.72 -14.63 -8.16
C PRO A 238 -7.49 -15.36 -7.86
N LEU A 239 -7.63 -16.64 -7.56
CA LEU A 239 -6.43 -17.46 -7.39
C LEU A 239 -5.51 -17.57 -8.60
N ALA A 240 -6.09 -17.70 -9.77
CA ALA A 240 -5.34 -17.66 -11.04
C ALA A 240 -4.52 -16.34 -11.23
N LEU A 241 -5.06 -15.24 -10.75
CA LEU A 241 -4.34 -14.01 -10.75
C LEU A 241 -3.22 -13.98 -9.74
N LEU A 242 -3.48 -14.43 -8.53
CA LEU A 242 -2.47 -14.53 -7.55
C LEU A 242 -1.33 -15.46 -8.00
N HIS A 243 -1.66 -16.52 -8.74
CA HIS A 243 -0.58 -17.30 -9.40
C HIS A 243 0.30 -16.52 -10.37
N LYS A 244 -0.20 -15.49 -11.01
CA LYS A 244 0.63 -14.67 -11.90
C LYS A 244 1.41 -13.57 -11.18
N ILE A 245 0.85 -13.11 -10.05
CA ILE A 245 1.52 -12.08 -9.26
C ILE A 245 2.61 -12.61 -8.36
N LEU A 246 2.33 -13.64 -7.60
CA LEU A 246 3.28 -14.09 -6.60
C LEU A 246 4.28 -15.14 -7.28
N VAL A 247 4.95 -14.67 -8.30
CA VAL A 247 5.89 -15.49 -9.15
C VAL A 247 7.27 -15.07 -8.65
N GLU A 248 8.17 -16.03 -8.38
CA GLU A 248 9.40 -15.74 -7.66
C GLU A 248 10.38 -14.87 -8.48
N ASN A 249 10.45 -15.11 -9.77
CA ASN A 249 11.33 -14.42 -10.69
C ASN A 249 10.63 -13.12 -11.11
N PRO A 250 11.20 -11.98 -10.75
CA PRO A 250 10.52 -10.68 -11.00
C PRO A 250 10.40 -10.37 -12.46
N SER A 251 11.29 -10.88 -13.32
CA SER A 251 11.08 -10.66 -14.76
C SER A 251 9.98 -11.54 -15.39
N ALA A 252 9.61 -12.64 -14.77
CA ALA A 252 8.48 -13.44 -15.21
C ALA A 252 7.17 -12.96 -14.53
N ARG A 253 7.27 -12.22 -13.45
CA ARG A 253 6.04 -11.71 -12.75
C ARG A 253 5.16 -10.84 -13.68
N ILE A 254 3.84 -10.92 -13.51
CA ILE A 254 2.91 -10.18 -14.29
C ILE A 254 3.12 -8.74 -14.02
N THR A 255 2.93 -7.91 -15.04
CA THR A 255 3.05 -6.48 -14.92
C THR A 255 1.67 -5.96 -14.78
N ILE A 256 1.55 -4.72 -14.35
CA ILE A 256 0.25 -4.15 -14.22
C ILE A 256 -0.60 -4.09 -15.53
N PRO A 257 -0.01 -3.71 -16.68
CA PRO A 257 -0.80 -3.74 -17.92
C PRO A 257 -1.47 -5.08 -18.13
N ASP A 258 -0.77 -6.14 -17.81
CA ASP A 258 -1.29 -7.47 -17.92
C ASP A 258 -2.25 -7.89 -16.80
N ILE A 259 -2.03 -7.40 -15.59
CA ILE A 259 -3.09 -7.55 -14.52
C ILE A 259 -4.40 -7.04 -15.03
N LYS A 260 -4.36 -5.94 -15.75
CA LYS A 260 -5.60 -5.32 -16.25
C LYS A 260 -6.34 -6.09 -17.34
N LYS A 261 -5.71 -7.11 -17.87
CA LYS A 261 -6.28 -8.04 -18.84
C LYS A 261 -6.75 -9.33 -18.19
N ASP A 262 -6.52 -9.53 -16.90
CA ASP A 262 -6.81 -10.79 -16.26
C ASP A 262 -8.32 -11.00 -16.16
N ARG A 263 -8.69 -12.25 -16.21
CA ARG A 263 -10.12 -12.64 -16.21
C ARG A 263 -10.82 -12.21 -14.93
N TRP A 264 -10.25 -12.49 -13.76
CA TRP A 264 -10.94 -12.11 -12.54
C TRP A 264 -11.00 -10.59 -12.41
N TYR A 265 -9.87 -9.93 -12.75
CA TYR A 265 -9.84 -8.41 -12.72
C TYR A 265 -11.03 -7.76 -13.50
N ASN A 266 -11.38 -8.38 -14.58
CA ASN A 266 -12.47 -7.85 -15.45
C ASN A 266 -13.82 -8.57 -15.21
N LYS A 267 -13.91 -9.38 -14.16
CA LYS A 267 -15.18 -10.11 -13.90
C LYS A 267 -16.20 -9.27 -13.24
N PRO A 268 -17.44 -9.21 -13.79
CA PRO A 268 -18.45 -8.38 -13.12
C PRO A 268 -18.92 -9.06 -11.79
N LEU A 269 -19.00 -8.27 -10.73
CA LEU A 269 -19.23 -8.82 -9.38
C LEU A 269 -20.21 -7.95 -8.65
N LYS A 270 -21.09 -8.62 -7.90
CA LYS A 270 -22.11 -8.06 -6.93
C LYS A 270 -21.76 -6.81 -6.14
O A3E B . -7.79 3.41 15.84
C1 A3E B . -0.83 5.58 9.70
N1 A3E B . -1.39 7.57 8.23
C2 A3E B . -0.34 6.55 8.59
N2 A3E B . -2.40 9.18 7.28
C3 A3E B . -0.23 5.63 7.38
N3 A3E B . -1.24 8.58 7.39
C4 A3E B . -2.67 7.52 8.62
N4 A3E B . -6.73 10.03 7.58
C5 A3E B . -3.29 8.62 8.08
N5 A3E B . -4.82 10.67 6.53
C6 A3E B . -4.74 8.92 8.24
N6 A3E B . -9.25 4.60 13.80
C7 A3E B . -5.46 8.15 9.12
C8 A3E B . -6.84 8.34 9.21
C9 A3E B . -7.45 9.29 8.43
C10 A3E B . -5.41 9.87 7.46
C11 A3E B . -7.68 7.54 10.13
C12 A3E B . -7.10 6.58 11.00
C13 A3E B . -7.91 5.85 11.88
C14 A3E B . -9.28 6.03 11.88
C15 A3E B . -9.85 6.96 11.01
C16 A3E B . -9.07 7.71 10.15
C17 A3E B . -10.17 5.22 12.83
C18 A3E B . -9.11 5.30 15.08
C19 A3E B . -7.76 4.85 15.64
C20 A3E B . -7.99 2.67 14.63
C21 A3E B . -9.27 3.13 13.92
#